data_7XJD
#
_entry.id   7XJD
#
_cell.length_a   60.570
_cell.length_b   60.570
_cell.length_c   110.890
_cell.angle_alpha   90.00
_cell.angle_beta   90.00
_cell.angle_gamma   120.00
#
_symmetry.space_group_name_H-M   'P 63'
#
loop_
_entity.id
_entity.type
_entity.pdbx_description
1 polymer Bacteriorhodopsin
2 non-polymer RETINAL
3 non-polymer 2,3-DI-PHYTANYL-GLYCEROL
4 non-polymer 2,10,23-TRIMETHYL-TETRACOSANE
5 water water
#
_entity_poly.entity_id   1
_entity_poly.type   'polypeptide(L)'
_entity_poly.pdbx_seq_one_letter_code
;TGRPEWIWLALGTALMGLGTLYFLVKGMGVSDPDAKKFYAITTLVPAIAFTMYLSMLLGYGLTMVPFGGEQNPIYWARYA
DWLFTTPLLLLDLALLVDADQGTILALVGADGIMIGTGLVGALTKVYSYRFVWWAISTAAMLYILYVLFFGFTSKAESMR
PEVASTFKVLRNVTVVLWSAYPVVWLIGSEGAGIVPLNIETLLFMVLDVSAKVGFGLILLRSRAIFGEAE
;
_entity_poly.pdbx_strand_id   A
#
# COMPACT_ATOMS: atom_id res chain seq x y z
N THR A 1 -6.70 -0.34 24.75
CA THR A 1 -6.24 -1.70 25.04
C THR A 1 -7.40 -2.67 25.06
N GLY A 2 -8.59 -2.10 24.89
CA GLY A 2 -9.79 -2.91 25.01
C GLY A 2 -10.04 -3.79 23.80
N ARG A 3 -9.38 -3.50 22.67
CA ARG A 3 -9.61 -4.39 21.52
C ARG A 3 -8.32 -5.19 21.40
N PRO A 4 -8.34 -6.49 21.26
CA PRO A 4 -7.07 -7.22 21.30
C PRO A 4 -6.10 -6.79 20.20
N GLU A 5 -6.63 -6.24 19.09
CA GLU A 5 -5.74 -5.86 18.01
C GLU A 5 -5.01 -4.55 18.28
N TRP A 6 -5.28 -3.91 19.42
CA TRP A 6 -4.62 -2.64 19.70
C TRP A 6 -3.11 -2.75 19.59
N ILE A 7 -2.54 -3.87 20.05
CA ILE A 7 -1.07 -3.91 20.10
C ILE A 7 -0.49 -3.81 18.70
N TRP A 8 -1.16 -4.42 17.69
CA TRP A 8 -0.58 -4.30 16.32
C TRP A 8 -0.84 -2.92 15.75
N LEU A 9 -1.97 -2.31 16.09
CA LEU A 9 -2.22 -0.91 15.68
C LEU A 9 -1.20 0.01 16.30
N ALA A 10 -0.81 -0.23 17.56
CA ALA A 10 0.21 0.59 18.21
C ALA A 10 1.58 0.40 17.58
N LEU A 11 1.92 -0.88 17.38
N LEU A 11 1.96 -0.87 17.36
CA LEU A 11 3.22 -1.19 16.73
CA LEU A 11 3.24 -1.13 16.70
C LEU A 11 3.24 -0.60 15.32
C LEU A 11 3.24 -0.53 15.30
N GLY A 12 2.12 -0.70 14.58
CA GLY A 12 2.12 -0.17 13.20
C GLY A 12 2.28 1.36 13.23
N THR A 13 1.61 2.05 14.18
CA THR A 13 1.75 3.49 14.30
C THR A 13 3.19 3.86 14.56
N ALA A 14 3.79 3.16 15.54
CA ALA A 14 5.20 3.47 15.83
C ALA A 14 6.14 3.21 14.68
N LEU A 15 5.99 2.07 14.00
CA LEU A 15 6.94 1.78 12.92
C LEU A 15 6.74 2.71 11.75
N MET A 16 5.49 3.08 11.43
CA MET A 16 5.29 4.04 10.36
C MET A 16 5.84 5.41 10.74
N GLY A 17 5.65 5.82 11.99
CA GLY A 17 6.16 7.10 12.46
C GLY A 17 7.67 7.13 12.42
N LEU A 18 8.30 6.06 12.89
N LEU A 18 8.33 6.07 12.88
CA LEU A 18 9.75 5.88 12.86
CA LEU A 18 9.79 6.02 12.86
C LEU A 18 10.26 5.99 11.43
C LEU A 18 10.32 5.94 11.43
N GLY A 19 9.64 5.19 10.55
CA GLY A 19 10.06 5.16 9.16
C GLY A 19 9.95 6.52 8.52
N THR A 20 8.85 7.23 8.78
CA THR A 20 8.72 8.58 8.28
C THR A 20 9.87 9.46 8.74
N LEU A 21 10.15 9.39 10.06
CA LEU A 21 11.18 10.30 10.55
C LEU A 21 12.53 9.97 9.92
N TYR A 22 12.82 8.68 9.80
CA TYR A 22 14.07 8.23 9.20
C TYR A 22 14.17 8.78 7.78
N PHE A 23 13.10 8.58 6.96
CA PHE A 23 13.21 9.02 5.57
C PHE A 23 13.29 10.53 5.50
N LEU A 24 12.61 11.26 6.38
CA LEU A 24 12.67 12.72 6.41
C LEU A 24 14.10 13.24 6.63
N VAL A 25 14.75 12.63 7.62
CA VAL A 25 16.15 12.95 7.90
C VAL A 25 17.07 12.55 6.76
N LYS A 26 16.86 11.34 6.26
CA LYS A 26 17.70 10.81 5.18
C LYS A 26 17.65 11.75 3.98
N GLY A 27 16.49 12.34 3.64
CA GLY A 27 16.46 13.17 2.46
C GLY A 27 16.84 14.61 2.72
N MET A 28 17.16 14.94 3.97
CA MET A 28 17.62 16.28 4.25
C MET A 28 18.92 16.49 3.47
N GLY A 29 18.94 17.60 2.75
CA GLY A 29 20.11 17.90 1.96
C GLY A 29 20.05 17.51 0.51
N VAL A 30 19.19 16.56 0.09
CA VAL A 30 19.39 16.16 -1.32
C VAL A 30 18.88 17.29 -2.22
N SER A 31 19.65 17.56 -3.26
N SER A 31 19.66 17.53 -3.26
CA SER A 31 19.35 18.65 -4.19
CA SER A 31 19.47 18.61 -4.22
C SER A 31 19.07 18.13 -5.59
C SER A 31 18.97 18.10 -5.56
N ASP A 32 19.36 16.85 -5.84
CA ASP A 32 19.10 16.32 -7.18
C ASP A 32 17.59 16.28 -7.40
N PRO A 33 17.05 16.92 -8.42
CA PRO A 33 15.58 16.94 -8.56
C PRO A 33 14.95 15.56 -8.67
N ASP A 34 15.61 14.63 -9.36
CA ASP A 34 15.04 13.29 -9.50
C ASP A 34 14.91 12.65 -8.11
N ALA A 35 15.97 12.73 -7.31
CA ALA A 35 16.03 12.14 -5.99
C ALA A 35 15.03 12.84 -5.10
N LYS A 36 14.89 14.17 -5.28
CA LYS A 36 13.86 14.82 -4.42
C LYS A 36 12.46 14.25 -4.63
N LYS A 37 12.10 13.92 -5.87
CA LYS A 37 10.75 13.35 -6.15
C LYS A 37 10.65 12.03 -5.43
N PHE A 38 11.66 11.16 -5.47
CA PHE A 38 11.54 9.86 -4.81
C PHE A 38 11.51 10.00 -3.29
N TYR A 39 12.30 10.94 -2.75
CA TYR A 39 12.21 11.12 -1.29
C TYR A 39 10.85 11.63 -0.88
N ALA A 40 10.30 12.55 -1.69
CA ALA A 40 9.01 13.13 -1.29
C ALA A 40 7.94 12.04 -1.31
N ILE A 41 7.89 11.33 -2.42
CA ILE A 41 6.85 10.26 -2.53
C ILE A 41 7.01 9.28 -1.40
N THR A 42 8.29 8.90 -1.18
CA THR A 42 8.56 7.74 -0.33
C THR A 42 8.42 8.10 1.14
N THR A 43 8.58 9.40 1.45
CA THR A 43 8.40 9.83 2.83
C THR A 43 6.91 10.05 3.13
N LEU A 44 6.17 10.57 2.14
CA LEU A 44 4.72 10.75 2.36
C LEU A 44 4.01 9.45 2.62
N VAL A 45 4.45 8.37 2.00
CA VAL A 45 3.73 7.08 2.13
C VAL A 45 3.65 6.62 3.58
N PRO A 46 4.73 6.44 4.35
CA PRO A 46 4.55 6.08 5.76
C PRO A 46 4.00 7.24 6.60
N ALA A 47 4.10 8.49 6.18
CA ALA A 47 3.53 9.57 6.99
C ALA A 47 2.02 9.44 7.00
N ILE A 48 1.47 9.19 5.81
CA ILE A 48 0.01 8.99 5.69
C ILE A 48 -0.38 7.74 6.45
N ALA A 49 0.39 6.68 6.27
CA ALA A 49 0.05 5.47 7.00
C ALA A 49 0.14 5.66 8.50
N PHE A 50 1.10 6.44 8.99
CA PHE A 50 1.16 6.76 10.41
C PHE A 50 -0.17 7.37 10.86
N THR A 51 -0.66 8.37 10.09
CA THR A 51 -1.91 8.98 10.58
C THR A 51 -3.07 8.02 10.58
N MET A 52 -3.15 7.10 9.61
CA MET A 52 -4.31 6.20 9.53
C MET A 52 -4.15 5.08 10.56
N TYR A 53 -2.96 4.56 10.81
CA TYR A 53 -2.73 3.64 11.94
C TYR A 53 -3.14 4.30 13.24
N LEU A 54 -2.73 5.55 13.46
CA LEU A 54 -3.15 6.19 14.72
C LEU A 54 -4.67 6.32 14.78
N SER A 55 -5.30 6.64 13.65
CA SER A 55 -6.78 6.75 13.72
C SER A 55 -7.40 5.42 14.06
N MET A 56 -6.81 4.31 13.57
CA MET A 56 -7.40 3.01 14.00
C MET A 56 -7.14 2.76 15.46
N LEU A 57 -5.91 3.05 15.90
CA LEU A 57 -5.56 2.82 17.30
C LEU A 57 -6.51 3.57 18.22
N LEU A 58 -6.82 4.84 17.90
CA LEU A 58 -7.68 5.66 18.75
C LEU A 58 -9.17 5.38 18.56
N GLY A 59 -9.52 4.56 17.57
CA GLY A 59 -10.89 4.14 17.36
C GLY A 59 -11.64 4.92 16.31
N TYR A 60 -11.06 6.01 15.84
CA TYR A 60 -11.73 6.89 14.89
C TYR A 60 -11.91 6.15 13.58
N GLY A 61 -10.92 5.36 13.21
CA GLY A 61 -10.89 4.68 11.92
C GLY A 61 -11.58 3.34 11.92
N LEU A 62 -12.41 3.07 12.93
CA LEU A 62 -13.21 1.85 13.03
C LEU A 62 -14.69 2.17 12.90
N THR A 63 -15.44 1.33 12.19
CA THR A 63 -16.90 1.45 12.18
C THR A 63 -17.54 0.07 12.29
N MET A 64 -18.81 0.01 12.63
CA MET A 64 -19.50 -1.28 12.71
C MET A 64 -20.37 -1.44 11.48
N VAL A 65 -20.21 -2.56 10.78
CA VAL A 65 -21.02 -2.79 9.59
C VAL A 65 -21.91 -4.02 9.84
N PRO A 66 -23.23 -3.88 9.71
CA PRO A 66 -24.10 -5.06 9.86
C PRO A 66 -24.01 -5.91 8.61
N PHE A 67 -23.76 -7.21 8.81
CA PHE A 67 -23.79 -8.08 7.62
C PHE A 67 -23.76 -9.46 8.25
N GLY A 68 -24.29 -10.46 7.60
CA GLY A 68 -24.33 -11.71 8.35
C GLY A 68 -25.20 -11.61 9.59
N GLY A 69 -26.10 -10.63 9.69
CA GLY A 69 -26.88 -10.52 10.93
C GLY A 69 -26.13 -10.00 12.14
N GLU A 70 -24.82 -9.79 12.03
CA GLU A 70 -23.96 -9.39 13.12
C GLU A 70 -23.49 -7.95 12.98
N GLN A 71 -23.01 -7.31 14.04
CA GLN A 71 -22.33 -6.02 13.91
C GLN A 71 -20.84 -6.20 13.69
N ASN A 72 -20.23 -5.97 12.55
CA ASN A 72 -18.85 -6.39 12.29
C ASN A 72 -17.91 -5.19 12.33
N PRO A 73 -16.86 -5.28 13.12
CA PRO A 73 -15.88 -4.20 13.17
C PRO A 73 -15.05 -4.09 11.91
N ILE A 74 -15.19 -2.97 11.25
CA ILE A 74 -14.50 -2.75 9.97
C ILE A 74 -13.60 -1.53 10.12
N TYR A 75 -12.31 -1.72 9.97
CA TYR A 75 -11.42 -0.57 9.99
C TYR A 75 -11.40 0.08 8.61
N TRP A 76 -12.18 1.17 8.46
CA TRP A 76 -12.32 1.84 7.17
C TRP A 76 -11.10 2.70 6.92
N ALA A 77 -10.35 3.06 8.00
CA ALA A 77 -9.26 4.01 7.72
C ALA A 77 -8.20 3.38 6.82
N ARG A 78 -8.13 2.05 6.75
CA ARG A 78 -7.16 1.45 5.84
C ARG A 78 -7.37 1.93 4.41
N TYR A 79 -8.62 2.11 3.98
CA TYR A 79 -8.90 2.52 2.60
C TYR A 79 -8.51 3.98 2.37
N ALA A 80 -8.63 4.83 3.42
CA ALA A 80 -8.23 6.21 3.27
C ALA A 80 -6.71 6.29 3.15
N ASP A 81 -5.99 5.43 3.87
CA ASP A 81 -4.55 5.29 3.71
C ASP A 81 -4.23 4.87 2.28
N TRP A 82 -4.74 3.67 1.92
CA TRP A 82 -4.32 3.09 0.64
C TRP A 82 -4.75 3.94 -0.55
N LEU A 83 -5.84 4.67 -0.45
CA LEU A 83 -6.29 5.53 -1.56
C LEU A 83 -5.14 6.43 -2.03
N PHE A 84 -4.35 6.91 -1.06
CA PHE A 84 -3.23 7.80 -1.41
C PHE A 84 -1.91 7.05 -1.48
N THR A 85 -1.69 6.08 -0.57
CA THR A 85 -0.33 5.53 -0.55
C THR A 85 -0.08 4.51 -1.63
N THR A 86 -1.11 3.79 -2.08
CA THR A 86 -0.80 2.80 -3.12
C THR A 86 -0.58 3.52 -4.46
N PRO A 87 -1.30 4.54 -4.89
CA PRO A 87 -0.83 5.22 -6.10
C PRO A 87 0.56 5.85 -5.96
N LEU A 88 0.87 6.38 -4.76
CA LEU A 88 2.21 6.94 -4.56
C LEU A 88 3.28 5.86 -4.73
N LEU A 89 3.06 4.66 -4.17
CA LEU A 89 4.04 3.57 -4.39
C LEU A 89 4.17 3.24 -5.88
N LEU A 90 3.04 3.21 -6.60
CA LEU A 90 3.11 2.95 -8.04
C LEU A 90 3.87 4.05 -8.77
N LEU A 91 3.70 5.30 -8.30
CA LEU A 91 4.40 6.42 -8.94
C LEU A 91 5.89 6.25 -8.75
N ASP A 92 6.33 5.82 -7.56
CA ASP A 92 7.77 5.57 -7.41
C ASP A 92 8.26 4.58 -8.44
N LEU A 93 7.46 3.51 -8.65
CA LEU A 93 7.94 2.51 -9.62
C LEU A 93 7.96 3.10 -11.02
N ALA A 94 6.90 3.82 -11.35
CA ALA A 94 6.73 4.40 -12.68
C ALA A 94 7.80 5.43 -13.03
N LEU A 95 8.16 6.21 -12.02
CA LEU A 95 9.22 7.23 -12.25
C LEU A 95 10.58 6.58 -12.44
N LEU A 96 10.81 5.50 -11.72
CA LEU A 96 12.06 4.76 -11.86
C LEU A 96 12.29 4.40 -13.32
N VAL A 97 11.24 3.87 -13.95
CA VAL A 97 11.43 3.44 -15.34
C VAL A 97 11.04 4.54 -16.31
N ASP A 98 10.80 5.77 -15.88
CA ASP A 98 10.43 6.81 -16.84
C ASP A 98 9.21 6.40 -17.65
N ALA A 99 8.18 5.85 -16.96
CA ALA A 99 6.98 5.44 -17.67
C ALA A 99 6.33 6.60 -18.42
N ASP A 100 5.74 6.26 -19.56
CA ASP A 100 4.87 7.16 -20.32
C ASP A 100 3.68 7.62 -19.45
N GLN A 101 3.17 8.80 -19.75
CA GLN A 101 2.14 9.37 -18.89
C GLN A 101 0.87 8.54 -18.98
N GLY A 102 0.62 7.96 -20.15
CA GLY A 102 -0.60 7.15 -20.26
C GLY A 102 -0.52 5.93 -19.35
N THR A 103 0.68 5.40 -19.19
CA THR A 103 0.82 4.22 -18.34
C THR A 103 0.63 4.60 -16.89
N ILE A 104 1.13 5.79 -16.50
CA ILE A 104 0.96 6.22 -15.10
C ILE A 104 -0.51 6.43 -14.84
N LEU A 105 -1.22 7.06 -15.78
N LEU A 105 -1.23 7.06 -15.77
CA LEU A 105 -2.64 7.23 -15.51
CA LEU A 105 -2.67 7.22 -15.63
C LEU A 105 -3.35 5.89 -15.44
C LEU A 105 -3.38 5.89 -15.45
N ALA A 106 -3.00 4.94 -16.30
CA ALA A 106 -3.67 3.62 -16.19
C ALA A 106 -3.47 3.00 -14.82
N LEU A 107 -2.22 3.13 -14.34
CA LEU A 107 -1.88 2.52 -13.05
C LEU A 107 -2.60 3.21 -11.90
N VAL A 108 -2.53 4.54 -11.86
CA VAL A 108 -3.16 5.29 -10.77
C VAL A 108 -4.65 5.10 -10.83
N GLY A 109 -5.25 5.11 -12.04
CA GLY A 109 -6.70 4.92 -12.08
C GLY A 109 -7.12 3.50 -11.74
N ALA A 110 -6.40 2.48 -12.22
CA ALA A 110 -6.78 1.13 -11.79
C ALA A 110 -6.62 0.97 -10.28
N ASP A 111 -5.60 1.65 -9.73
CA ASP A 111 -5.41 1.56 -8.27
C ASP A 111 -6.55 2.21 -7.54
N GLY A 112 -7.01 3.38 -8.03
CA GLY A 112 -8.19 3.98 -7.37
C GLY A 112 -9.38 3.07 -7.44
N ILE A 113 -9.58 2.39 -8.57
CA ILE A 113 -10.71 1.47 -8.66
C ILE A 113 -10.50 0.34 -7.67
N MET A 114 -9.28 -0.17 -7.58
CA MET A 114 -9.02 -1.26 -6.62
C MET A 114 -9.35 -0.86 -5.21
N ILE A 115 -8.93 0.32 -4.78
CA ILE A 115 -9.17 0.70 -3.38
C ILE A 115 -10.61 1.10 -3.19
N GLY A 116 -11.19 1.83 -4.16
CA GLY A 116 -12.57 2.23 -3.93
C GLY A 116 -13.52 1.07 -3.97
N THR A 117 -13.31 0.07 -4.82
CA THR A 117 -14.20 -1.09 -4.77
C THR A 117 -13.89 -1.93 -3.54
N GLY A 118 -12.65 -1.97 -3.07
CA GLY A 118 -12.41 -2.65 -1.76
C GLY A 118 -13.15 -1.95 -0.63
N LEU A 119 -13.23 -0.61 -0.64
CA LEU A 119 -13.97 0.10 0.40
C LEU A 119 -15.46 -0.16 0.30
N VAL A 120 -15.99 -0.14 -0.93
CA VAL A 120 -17.39 -0.50 -1.07
C VAL A 120 -17.64 -1.91 -0.55
N GLY A 121 -16.79 -2.87 -0.91
CA GLY A 121 -16.97 -4.24 -0.39
C GLY A 121 -16.90 -4.23 1.13
N ALA A 122 -15.98 -3.43 1.69
CA ALA A 122 -15.78 -3.47 3.15
C ALA A 122 -17.00 -2.96 3.90
N LEU A 123 -17.75 -2.05 3.29
CA LEU A 123 -18.91 -1.44 3.95
C LEU A 123 -20.25 -2.00 3.48
N THR A 124 -20.27 -3.00 2.59
CA THR A 124 -21.54 -3.52 2.03
C THR A 124 -22.24 -4.42 3.04
N LYS A 125 -23.55 -4.19 3.21
CA LYS A 125 -24.31 -4.90 4.23
C LYS A 125 -24.85 -6.22 3.75
N VAL A 126 -24.91 -6.46 2.44
CA VAL A 126 -25.36 -7.77 1.98
C VAL A 126 -24.13 -8.67 1.85
N TYR A 127 -24.03 -9.69 2.71
CA TYR A 127 -22.80 -10.46 2.78
C TYR A 127 -22.31 -10.98 1.43
N SER A 128 -23.18 -11.61 0.66
N SER A 128 -23.14 -11.63 0.62
CA SER A 128 -22.72 -12.19 -0.60
CA SER A 128 -22.59 -12.16 -0.62
C SER A 128 -22.13 -11.15 -1.54
C SER A 128 -22.00 -11.10 -1.53
N TYR A 129 -22.62 -9.91 -1.53
CA TYR A 129 -22.20 -8.90 -2.47
C TYR A 129 -20.81 -8.37 -2.10
N ARG A 130 -20.46 -8.55 -0.83
CA ARG A 130 -19.11 -8.10 -0.46
C ARG A 130 -18.05 -8.77 -1.32
N PHE A 131 -18.26 -10.04 -1.72
CA PHE A 131 -17.27 -10.78 -2.48
C PHE A 131 -17.28 -10.41 -3.97
N VAL A 132 -18.43 -9.86 -4.43
CA VAL A 132 -18.46 -9.31 -5.78
C VAL A 132 -17.51 -8.12 -5.88
N TRP A 133 -17.53 -7.24 -4.88
CA TRP A 133 -16.60 -6.10 -4.87
C TRP A 133 -15.18 -6.59 -4.71
N TRP A 134 -14.96 -7.58 -3.86
CA TRP A 134 -13.63 -8.17 -3.74
C TRP A 134 -13.11 -8.65 -5.09
N ALA A 135 -13.98 -9.29 -5.90
CA ALA A 135 -13.52 -9.82 -7.20
C ALA A 135 -13.14 -8.72 -8.17
N ILE A 136 -13.98 -7.64 -8.15
CA ILE A 136 -13.69 -6.54 -9.06
C ILE A 136 -12.40 -5.87 -8.66
N SER A 137 -12.22 -5.65 -7.36
CA SER A 137 -10.99 -5.06 -6.85
C SER A 137 -9.76 -5.93 -7.19
N THR A 138 -9.92 -7.25 -7.05
CA THR A 138 -8.84 -8.17 -7.40
C THR A 138 -8.54 -8.08 -8.89
N ALA A 139 -9.55 -7.96 -9.73
CA ALA A 139 -9.29 -7.80 -11.17
C ALA A 139 -8.46 -6.56 -11.41
N ALA A 140 -8.79 -5.45 -10.73
CA ALA A 140 -7.98 -4.25 -10.89
C ALA A 140 -6.54 -4.42 -10.40
N MET A 141 -6.34 -5.17 -9.31
CA MET A 141 -5.00 -5.43 -8.81
C MET A 141 -4.27 -6.25 -9.87
N LEU A 142 -4.95 -7.23 -10.45
CA LEU A 142 -4.23 -8.07 -11.43
C LEU A 142 -3.85 -7.24 -12.65
N TYR A 143 -4.74 -6.30 -13.01
CA TYR A 143 -4.35 -5.40 -14.10
C TYR A 143 -3.08 -4.63 -13.76
N ILE A 144 -3.00 -4.04 -12.55
CA ILE A 144 -1.81 -3.33 -12.14
C ILE A 144 -0.59 -4.23 -12.21
N LEU A 145 -0.71 -5.45 -11.68
CA LEU A 145 0.45 -6.33 -11.69
C LEU A 145 0.85 -6.65 -13.13
N TYR A 146 -0.15 -6.82 -13.99
CA TYR A 146 0.15 -7.05 -15.40
C TYR A 146 0.95 -5.92 -16.00
N VAL A 147 0.52 -4.68 -15.77
CA VAL A 147 1.22 -3.50 -16.32
C VAL A 147 2.63 -3.41 -15.77
N LEU A 148 2.83 -3.68 -14.47
CA LEU A 148 4.17 -3.59 -13.90
C LEU A 148 5.08 -4.60 -14.56
N PHE A 149 4.52 -5.72 -15.04
CA PHE A 149 5.45 -6.66 -15.69
C PHE A 149 5.52 -6.54 -17.20
N PHE A 150 4.45 -6.09 -17.85
CA PHE A 150 4.46 -6.16 -19.30
C PHE A 150 4.22 -4.80 -19.94
N GLY A 151 4.07 -3.75 -19.15
CA GLY A 151 3.72 -2.43 -19.70
C GLY A 151 4.91 -1.50 -19.87
N PHE A 152 6.14 -1.88 -19.49
CA PHE A 152 7.30 -1.00 -19.71
C PHE A 152 8.25 -1.52 -20.81
N THR A 153 7.73 -2.19 -21.82
CA THR A 153 8.43 -2.96 -22.82
C THR A 153 9.20 -2.14 -23.86
N SER A 154 9.01 -0.83 -23.88
CA SER A 154 9.70 0.08 -24.77
C SER A 154 10.77 0.85 -24.02
N LYS A 155 10.76 0.60 -22.70
CA LYS A 155 11.66 1.36 -21.83
C LYS A 155 12.94 0.59 -21.58
N ALA A 156 12.95 -0.70 -21.93
CA ALA A 156 14.12 -1.52 -21.62
C ALA A 156 15.35 -1.04 -22.39
N GLU A 157 15.16 -0.64 -23.63
CA GLU A 157 16.22 -0.08 -24.46
C GLU A 157 17.12 0.90 -23.71
N SER A 158 16.51 1.98 -23.25
CA SER A 158 17.06 3.15 -22.61
C SER A 158 16.72 3.19 -21.12
N MET A 159 17.23 2.19 -20.41
CA MET A 159 17.16 2.10 -18.95
C MET A 159 18.53 1.86 -18.31
N ARG A 160 18.99 2.74 -17.41
CA ARG A 160 20.31 2.55 -16.80
C ARG A 160 20.29 1.23 -16.05
N PRO A 161 21.37 0.50 -16.03
CA PRO A 161 21.36 -0.80 -15.36
C PRO A 161 20.95 -0.71 -13.90
N GLU A 162 21.34 0.37 -13.20
CA GLU A 162 20.99 0.35 -11.78
C GLU A 162 19.52 0.65 -11.58
N VAL A 163 19.00 1.46 -12.51
CA VAL A 163 17.54 1.64 -12.43
C VAL A 163 16.82 0.35 -12.71
N ALA A 164 17.30 -0.40 -13.72
CA ALA A 164 16.64 -1.66 -14.05
C ALA A 164 16.70 -2.59 -12.85
N SER A 165 17.84 -2.62 -12.17
CA SER A 165 18.01 -3.56 -11.06
C SER A 165 17.15 -3.20 -9.86
N THR A 166 17.09 -1.91 -9.52
CA THR A 166 16.26 -1.50 -8.39
C THR A 166 14.77 -1.64 -8.72
N PHE A 167 14.43 -1.31 -9.97
CA PHE A 167 13.04 -1.50 -10.36
C PHE A 167 12.66 -2.98 -10.26
N LYS A 168 13.43 -3.93 -10.75
CA LYS A 168 13.03 -5.33 -10.67
C LYS A 168 12.83 -5.82 -9.25
N VAL A 169 13.76 -5.41 -8.37
CA VAL A 169 13.60 -5.77 -6.97
C VAL A 169 12.33 -5.19 -6.36
N LEU A 170 12.11 -3.88 -6.56
CA LEU A 170 10.92 -3.29 -5.95
C LEU A 170 9.63 -3.80 -6.58
N ARG A 171 9.70 -4.13 -7.87
CA ARG A 171 8.52 -4.66 -8.53
C ARG A 171 8.20 -6.02 -7.93
N ASN A 172 9.20 -6.88 -7.73
CA ASN A 172 8.98 -8.16 -7.09
C ASN A 172 8.48 -8.03 -5.64
N VAL A 173 9.04 -7.09 -4.86
CA VAL A 173 8.52 -6.83 -3.52
C VAL A 173 7.04 -6.47 -3.62
N THR A 174 6.74 -5.60 -4.57
CA THR A 174 5.35 -5.12 -4.70
C THR A 174 4.41 -6.25 -5.07
N VAL A 175 4.78 -7.06 -6.07
CA VAL A 175 3.83 -8.11 -6.49
C VAL A 175 3.59 -9.13 -5.40
N VAL A 176 4.66 -9.50 -4.68
CA VAL A 176 4.41 -10.46 -3.61
C VAL A 176 3.59 -9.93 -2.46
N LEU A 177 3.95 -8.74 -1.94
CA LEU A 177 3.24 -8.21 -0.77
C LEU A 177 1.83 -7.79 -1.16
N TRP A 178 1.68 -7.09 -2.30
CA TRP A 178 0.32 -6.63 -2.58
C TRP A 178 -0.60 -7.83 -2.79
N SER A 179 -0.10 -8.91 -3.40
CA SER A 179 -1.02 -10.00 -3.71
C SER A 179 -1.56 -10.65 -2.45
N ALA A 180 -0.84 -10.45 -1.32
CA ALA A 180 -1.34 -11.04 -0.07
C ALA A 180 -2.53 -10.26 0.47
N TYR A 181 -2.67 -8.97 0.16
CA TYR A 181 -3.77 -8.23 0.74
C TYR A 181 -5.15 -8.79 0.35
N PRO A 182 -5.54 -9.08 -0.87
CA PRO A 182 -6.84 -9.67 -1.10
C PRO A 182 -7.00 -10.98 -0.35
N VAL A 183 -5.93 -11.77 -0.17
CA VAL A 183 -6.13 -13.02 0.56
C VAL A 183 -6.47 -12.77 2.02
N VAL A 184 -5.72 -11.83 2.64
CA VAL A 184 -6.01 -11.51 4.05
C VAL A 184 -7.43 -11.01 4.18
N TRP A 185 -7.87 -10.11 3.28
CA TRP A 185 -9.22 -9.57 3.42
C TRP A 185 -10.24 -10.68 3.23
N LEU A 186 -10.00 -11.57 2.25
CA LEU A 186 -10.96 -12.64 2.01
C LEU A 186 -11.16 -13.57 3.18
N ILE A 187 -10.07 -13.87 3.91
CA ILE A 187 -10.24 -14.81 5.01
C ILE A 187 -10.48 -14.15 6.35
N GLY A 188 -10.30 -12.84 6.41
CA GLY A 188 -10.38 -12.05 7.62
C GLY A 188 -11.75 -11.46 7.89
N SER A 189 -11.78 -10.47 8.75
N SER A 189 -11.89 -10.47 8.76
CA SER A 189 -12.95 -9.83 9.33
CA SER A 189 -13.24 -10.04 9.16
C SER A 189 -13.90 -9.21 8.31
C SER A 189 -14.05 -9.40 8.04
N GLU A 190 -13.41 -8.90 7.12
N GLU A 190 -13.38 -8.78 7.08
CA GLU A 190 -14.13 -8.22 6.07
CA GLU A 190 -14.07 -8.17 5.96
C GLU A 190 -14.76 -9.22 5.10
C GLU A 190 -14.77 -9.22 5.12
N GLY A 191 -14.22 -10.42 5.16
CA GLY A 191 -14.60 -11.46 4.20
C GLY A 191 -15.26 -12.64 4.88
N ALA A 192 -14.66 -13.80 4.80
CA ALA A 192 -15.25 -15.03 5.33
C ALA A 192 -15.17 -15.12 6.85
N GLY A 193 -14.33 -14.32 7.51
CA GLY A 193 -14.27 -14.35 8.97
C GLY A 193 -13.68 -15.62 9.54
N ILE A 194 -12.75 -16.23 8.80
CA ILE A 194 -12.08 -17.43 9.29
C ILE A 194 -10.84 -17.09 10.10
N VAL A 195 -10.22 -15.94 9.87
CA VAL A 195 -9.09 -15.48 10.68
C VAL A 195 -9.60 -14.32 11.54
N PRO A 196 -9.41 -14.34 12.86
CA PRO A 196 -9.95 -13.27 13.69
C PRO A 196 -9.29 -11.91 13.41
N LEU A 197 -10.04 -10.89 13.82
CA LEU A 197 -9.58 -9.53 13.56
C LEU A 197 -8.21 -9.25 14.17
N ASN A 198 -7.97 -9.87 15.32
N ASN A 198 -7.90 -9.83 15.33
CA ASN A 198 -6.67 -9.68 15.96
CA ASN A 198 -6.58 -9.51 15.88
C ASN A 198 -5.55 -10.12 15.03
C ASN A 198 -5.49 -10.10 14.98
N ILE A 199 -5.63 -11.34 14.51
CA ILE A 199 -4.59 -11.83 13.60
C ILE A 199 -4.59 -11.10 12.28
N GLU A 200 -5.76 -10.79 11.73
N GLU A 200 -5.77 -10.77 11.76
CA GLU A 200 -5.84 -9.99 10.52
CA GLU A 200 -5.73 -10.02 10.51
C GLU A 200 -5.08 -8.67 10.64
C GLU A 200 -5.06 -8.66 10.64
N THR A 201 -5.21 -8.01 11.77
CA THR A 201 -4.56 -6.70 11.98
C THR A 201 -3.06 -6.86 12.03
N LEU A 202 -2.64 -7.97 12.66
CA LEU A 202 -1.20 -8.27 12.65
C LEU A 202 -0.70 -8.47 11.22
N LEU A 203 -1.46 -9.25 10.46
CA LEU A 203 -1.01 -9.52 9.09
C LEU A 203 -0.91 -8.27 8.26
N PHE A 204 -1.94 -7.42 8.29
CA PHE A 204 -1.86 -6.17 7.53
C PHE A 204 -0.76 -5.26 8.07
N MET A 205 -0.47 -5.31 9.37
N MET A 205 -0.47 -5.32 9.36
CA MET A 205 0.60 -4.49 9.92
CA MET A 205 0.59 -4.45 9.87
C MET A 205 1.94 -4.90 9.30
C MET A 205 1.94 -4.90 9.30
N VAL A 206 2.15 -6.22 9.29
CA VAL A 206 3.43 -6.71 8.73
C VAL A 206 3.51 -6.40 7.23
N LEU A 207 2.39 -6.62 6.51
CA LEU A 207 2.43 -6.27 5.07
C LEU A 207 2.69 -4.79 4.85
N ASP A 208 1.96 -3.95 5.59
CA ASP A 208 2.04 -2.50 5.37
C ASP A 208 3.42 -1.98 5.68
N VAL A 209 4.01 -2.42 6.81
CA VAL A 209 5.34 -1.87 7.14
C VAL A 209 6.34 -2.35 6.10
N SER A 210 6.16 -3.60 5.63
CA SER A 210 7.07 -4.09 4.60
C SER A 210 6.91 -3.36 3.24
N ALA A 211 5.64 -3.11 2.89
CA ALA A 211 5.35 -2.52 1.57
C ALA A 211 5.65 -1.03 1.50
N LYS A 212 5.82 -0.40 2.68
CA LYS A 212 6.04 1.03 2.75
C LYS A 212 7.43 1.34 3.26
N VAL A 213 7.75 0.91 4.50
CA VAL A 213 9.08 1.19 5.05
C VAL A 213 10.12 0.29 4.44
N GLY A 214 9.80 -1.00 4.27
CA GLY A 214 10.81 -1.89 3.66
C GLY A 214 11.04 -1.51 2.21
N PHE A 215 9.95 -1.33 1.45
CA PHE A 215 10.09 -0.80 0.09
C PHE A 215 10.92 0.47 0.07
N GLY A 216 10.58 1.42 0.96
CA GLY A 216 11.26 2.71 0.92
C GLY A 216 12.74 2.61 1.29
N LEU A 217 13.07 1.69 2.19
CA LEU A 217 14.49 1.55 2.51
C LEU A 217 15.21 1.04 1.28
N ILE A 218 14.67 0.08 0.54
CA ILE A 218 15.39 -0.41 -0.66
C ILE A 218 15.53 0.68 -1.70
N LEU A 219 14.43 1.44 -1.92
CA LEU A 219 14.54 2.48 -2.95
C LEU A 219 15.54 3.58 -2.60
N LEU A 220 15.42 4.10 -1.38
CA LEU A 220 16.14 5.31 -0.99
C LEU A 220 17.60 4.97 -0.78
N ARG A 221 17.99 3.72 -0.76
CA ARG A 221 19.41 3.40 -0.61
C ARG A 221 20.08 3.20 -1.96
N SER A 222 19.25 3.26 -3.01
CA SER A 222 19.69 2.96 -4.36
C SER A 222 20.29 4.15 -5.09
N ARG A 223 21.26 3.94 -5.97
CA ARG A 223 21.73 5.08 -6.79
C ARG A 223 20.74 5.39 -7.90
N ALA A 224 19.72 4.53 -8.09
CA ALA A 224 18.81 4.71 -9.21
C ALA A 224 17.97 5.94 -9.03
N ILE A 225 17.95 6.50 -7.81
CA ILE A 225 17.05 7.64 -7.64
C ILE A 225 17.69 8.94 -8.06
N PHE A 226 18.99 8.90 -8.39
CA PHE A 226 19.67 10.12 -8.80
C PHE A 226 19.80 10.17 -10.31
N GLY A 227 19.65 11.35 -10.89
CA GLY A 227 19.98 11.47 -12.31
C GLY A 227 21.45 11.12 -12.52
N GLU A 228 21.78 10.62 -13.72
CA GLU A 228 23.19 10.29 -13.98
C GLU A 228 23.93 11.61 -14.18
N ALA A 229 24.97 11.84 -13.39
CA ALA A 229 25.68 13.12 -13.45
C ALA A 229 27.18 12.90 -13.27
N GLU A 230 28.00 13.78 -13.88
CA GLU A 230 29.45 13.52 -13.80
C GLU A 230 29.96 13.75 -12.37
#